data_3MFX
#
_entry.id   3MFX
#
_cell.length_a   70.171
_cell.length_b   70.171
_cell.length_c   341.762
_cell.angle_alpha   90.000
_cell.angle_beta   90.000
_cell.angle_gamma   120.000
#
_symmetry.space_group_name_H-M   'P 61 2 2'
#
loop_
_entity.id
_entity.type
_entity.pdbx_description
1 polymer 'Sensory box/GGDEF family protein'
2 water water
#
_entity_poly.entity_id   1
_entity_poly.type   'polypeptide(L)'
_entity_poly.pdbx_seq_one_letter_code
;(MSE)EHSSLETIELFIQHLTEA(MSE)ILVNANGFIRSCNQRSAELLDCPQVSLKGQDWRNFLTEHHQARYDNLLSHDV
QLGTNCGQPVQHPAQETTLICASGKAKDVELSISYIPGHEP(MSE)FV(MSE)V(MSE)HDLEHHHHHH
;
_entity_poly.pdbx_strand_id   A,B,C
#
# COMPACT_ATOMS: atom_id res chain seq x y z
N MSE A 1 6.48 -6.64 23.03
CA MSE A 1 6.51 -5.42 23.89
C MSE A 1 5.44 -5.48 24.99
O MSE A 1 4.50 -6.27 24.90
CB MSE A 1 6.29 -4.17 23.03
CG MSE A 1 4.86 -4.01 22.50
SE MSE A 1 4.65 -2.46 21.36
CE MSE A 1 4.11 -3.34 19.72
N GLU A 2 5.58 -4.63 25.99
CA GLU A 2 4.64 -4.58 27.11
C GLU A 2 3.67 -3.42 26.99
N HIS A 3 2.54 -3.54 27.68
CA HIS A 3 1.51 -2.50 27.66
C HIS A 3 2.14 -1.12 27.87
N SER A 4 3.09 -1.05 28.78
CA SER A 4 3.77 0.20 29.07
C SER A 4 4.29 0.87 27.82
N SER A 5 4.90 0.05 26.96
CA SER A 5 5.47 0.55 25.72
C SER A 5 4.43 0.88 24.67
N LEU A 6 3.27 0.22 24.75
CA LEU A 6 2.19 0.44 23.81
C LEU A 6 1.86 1.92 23.67
N GLU A 7 1.80 2.63 24.79
CA GLU A 7 1.49 4.06 24.77
C GLU A 7 2.53 4.81 23.97
N THR A 8 3.80 4.54 24.26
CA THR A 8 4.87 5.21 23.57
C THR A 8 4.79 4.94 22.06
N ILE A 9 4.80 3.67 21.68
CA ILE A 9 4.74 3.33 20.26
C ILE A 9 3.55 3.97 19.56
N GLU A 10 2.41 3.96 20.21
CA GLU A 10 1.20 4.53 19.65
C GLU A 10 1.34 6.03 19.39
N LEU A 11 1.90 6.75 20.35
CA LEU A 11 2.11 8.18 20.20
C LEU A 11 3.12 8.43 19.08
N PHE A 12 4.10 7.54 18.98
CA PHE A 12 5.14 7.63 17.97
C PHE A 12 4.49 7.49 16.58
N ILE A 13 3.62 6.50 16.44
CA ILE A 13 2.92 6.24 15.17
C ILE A 13 2.13 7.44 14.70
N GLN A 14 1.45 8.09 15.62
CA GLN A 14 0.63 9.24 15.30
C GLN A 14 1.38 10.45 14.74
N HIS A 15 2.69 10.46 14.88
CA HIS A 15 3.49 11.57 14.37
C HIS A 15 3.99 11.35 12.94
N LEU A 16 4.13 10.10 12.53
CA LEU A 16 4.66 9.77 11.20
C LEU A 16 3.78 10.19 10.04
N THR A 17 4.45 10.54 8.94
CA THR A 17 3.79 10.96 7.71
C THR A 17 3.63 9.76 6.76
N GLU A 18 3.70 8.56 7.32
CA GLU A 18 3.51 7.32 6.57
C GLU A 18 2.28 6.69 7.20
N ALA A 19 1.42 6.14 6.37
CA ALA A 19 0.21 5.52 6.88
C ALA A 19 0.57 4.20 7.52
N MSE A 20 0.29 4.06 8.81
CA MSE A 20 0.52 2.79 9.45
C MSE A 20 -0.45 2.55 10.57
O MSE A 20 -0.95 3.48 11.19
CB MSE A 20 1.99 2.62 9.86
CG MSE A 20 2.55 3.51 10.95
SE MSE A 20 4.44 3.02 11.37
CE MSE A 20 4.18 1.83 12.85
N ILE A 21 -0.78 1.27 10.76
CA ILE A 21 -1.71 0.86 11.78
C ILE A 21 -1.08 -0.27 12.59
N LEU A 22 -1.48 -0.34 13.86
CA LEU A 22 -0.99 -1.35 14.80
C LEU A 22 -2.16 -2.26 15.10
N VAL A 23 -2.04 -3.55 14.79
CA VAL A 23 -3.15 -4.49 14.99
C VAL A 23 -2.80 -5.65 15.93
N ASN A 24 -3.77 -6.22 16.62
CA ASN A 24 -3.44 -7.33 17.51
C ASN A 24 -3.48 -8.68 16.81
N ALA A 25 -3.16 -9.74 17.54
CA ALA A 25 -3.16 -11.07 16.92
C ALA A 25 -4.50 -11.40 16.27
N ASN A 26 -5.60 -11.02 16.93
CA ASN A 26 -6.93 -11.30 16.39
C ASN A 26 -7.26 -10.51 15.12
N GLY A 27 -6.38 -9.58 14.76
CA GLY A 27 -6.60 -8.79 13.56
C GLY A 27 -7.39 -7.51 13.77
N PHE A 28 -7.48 -7.05 15.00
CA PHE A 28 -8.22 -5.82 15.26
C PHE A 28 -7.28 -4.66 15.50
N ILE A 29 -7.58 -3.55 14.84
CA ILE A 29 -6.75 -2.37 14.95
C ILE A 29 -6.73 -1.83 16.37
N ARG A 30 -5.53 -1.79 16.95
CA ARG A 30 -5.32 -1.28 18.31
C ARG A 30 -4.96 0.20 18.28
N SER A 31 -4.22 0.60 17.25
CA SER A 31 -3.80 2.00 17.11
C SER A 31 -3.61 2.36 15.62
N CYS A 32 -3.75 3.64 15.29
CA CYS A 32 -3.58 4.08 13.90
C CYS A 32 -3.19 5.54 13.83
N ASN A 33 -2.84 6.04 12.65
CA ASN A 33 -2.51 7.46 12.59
C ASN A 33 -3.39 8.16 11.57
N GLN A 34 -3.36 9.48 11.56
CA GLN A 34 -4.19 10.23 10.63
C GLN A 34 -3.88 9.87 9.19
N ARG A 35 -2.63 9.55 8.89
CA ARG A 35 -2.28 9.19 7.51
C ARG A 35 -3.04 7.95 7.05
N SER A 36 -3.17 6.97 7.93
CA SER A 36 -3.89 5.77 7.56
C SER A 36 -5.38 6.07 7.40
N ALA A 37 -5.92 6.97 8.23
CA ALA A 37 -7.34 7.33 8.12
C ALA A 37 -7.59 8.01 6.77
N GLU A 38 -6.61 8.79 6.32
CA GLU A 38 -6.73 9.48 5.05
C GLU A 38 -6.71 8.48 3.90
N LEU A 39 -5.72 7.59 3.93
CA LEU A 39 -5.57 6.59 2.90
C LEU A 39 -6.75 5.62 2.88
N LEU A 40 -7.26 5.25 4.05
CA LEU A 40 -8.38 4.33 4.13
C LEU A 40 -9.76 5.01 4.03
N ASP A 41 -9.78 6.33 3.83
CA ASP A 41 -11.03 7.08 3.75
C ASP A 41 -11.92 6.86 4.96
N CYS A 42 -11.29 6.62 6.10
CA CYS A 42 -12.03 6.35 7.31
C CYS A 42 -11.58 7.35 8.38
N PRO A 43 -12.52 7.90 9.18
CA PRO A 43 -12.11 8.84 10.23
C PRO A 43 -11.22 8.11 11.22
N GLN A 44 -10.18 8.79 11.69
CA GLN A 44 -9.22 8.18 12.61
C GLN A 44 -9.86 7.51 13.83
N VAL A 45 -10.82 8.21 14.42
CA VAL A 45 -11.51 7.73 15.60
C VAL A 45 -12.32 6.45 15.34
N SER A 46 -12.72 6.23 14.09
CA SER A 46 -13.50 5.04 13.71
C SER A 46 -12.63 3.85 13.30
N LEU A 47 -11.38 4.12 12.94
CA LEU A 47 -10.45 3.07 12.51
C LEU A 47 -10.12 2.13 13.63
N LYS A 48 -9.80 2.70 14.78
CA LYS A 48 -9.45 1.91 15.94
C LYS A 48 -10.61 0.99 16.32
N GLY A 49 -10.30 -0.27 16.57
CA GLY A 49 -11.34 -1.22 16.95
C GLY A 49 -11.82 -2.11 15.83
N GLN A 50 -11.64 -1.68 14.58
CA GLN A 50 -12.11 -2.49 13.47
C GLN A 50 -11.24 -3.68 13.16
N ASP A 51 -11.79 -4.57 12.36
CA ASP A 51 -11.05 -5.75 11.93
C ASP A 51 -10.36 -5.27 10.65
N TRP A 52 -9.03 -5.26 10.65
CA TRP A 52 -8.27 -4.77 9.50
C TRP A 52 -8.65 -5.51 8.24
N ARG A 53 -9.28 -6.67 8.40
CA ARG A 53 -9.71 -7.45 7.25
C ARG A 53 -10.78 -6.69 6.47
N ASN A 54 -11.39 -5.68 7.10
CA ASN A 54 -12.43 -4.91 6.39
C ASN A 54 -11.90 -4.06 5.26
N PHE A 55 -10.58 -3.92 5.21
CA PHE A 55 -9.97 -3.10 4.18
C PHE A 55 -9.24 -3.97 3.20
N LEU A 56 -9.51 -5.27 3.25
CA LEU A 56 -8.88 -6.17 2.30
C LEU A 56 -9.88 -6.61 1.26
N THR A 57 -9.36 -7.06 0.12
CA THR A 57 -10.20 -7.52 -0.96
C THR A 57 -10.93 -8.77 -0.51
N GLU A 58 -12.14 -9.00 -1.02
CA GLU A 58 -12.93 -10.17 -0.62
C GLU A 58 -12.11 -11.46 -0.65
N HIS A 59 -11.59 -11.81 -1.82
CA HIS A 59 -10.80 -13.03 -1.93
C HIS A 59 -9.32 -12.68 -1.68
N HIS A 60 -9.00 -12.36 -0.42
CA HIS A 60 -7.64 -12.01 -0.05
C HIS A 60 -6.82 -13.22 0.37
N GLN A 61 -5.53 -13.02 0.62
CA GLN A 61 -4.63 -14.11 1.03
C GLN A 61 -5.11 -14.73 2.34
N ALA A 62 -5.46 -16.01 2.30
CA ALA A 62 -5.94 -16.73 3.47
C ALA A 62 -4.99 -16.51 4.64
N ARG A 63 -3.72 -16.33 4.32
CA ARG A 63 -2.71 -16.10 5.34
C ARG A 63 -3.13 -14.94 6.25
N TYR A 64 -3.77 -13.93 5.68
CA TYR A 64 -4.17 -12.77 6.46
C TYR A 64 -5.29 -13.01 7.47
N ASP A 65 -5.86 -14.21 7.45
CA ASP A 65 -6.93 -14.57 8.37
C ASP A 65 -6.35 -14.98 9.72
N ASN A 66 -5.08 -15.38 9.74
CA ASN A 66 -4.44 -15.79 10.97
C ASN A 66 -3.01 -15.28 11.01
N LEU A 67 -2.84 -14.10 11.59
CA LEU A 67 -1.53 -13.45 11.67
C LEU A 67 -0.50 -14.26 12.46
N LEU A 68 -0.91 -14.80 13.59
CA LEU A 68 0.00 -15.57 14.44
C LEU A 68 0.30 -16.96 13.87
N SER A 69 -0.51 -17.40 12.92
CA SER A 69 -0.32 -18.72 12.31
C SER A 69 -0.40 -18.67 10.78
N GLN A 80 5.27 -19.93 10.70
CA GLN A 80 5.73 -18.61 11.14
C GLN A 80 4.62 -17.59 10.97
N PRO A 81 4.53 -16.62 11.89
CA PRO A 81 3.49 -15.59 11.82
C PRO A 81 3.65 -14.69 10.59
N VAL A 82 2.53 -14.11 10.16
CA VAL A 82 2.52 -13.24 9.00
C VAL A 82 3.50 -12.07 9.13
N GLN A 83 4.33 -11.89 8.11
CA GLN A 83 5.28 -10.80 8.10
C GLN A 83 5.98 -10.78 6.76
N HIS A 84 6.17 -9.58 6.22
CA HIS A 84 6.83 -9.45 4.94
C HIS A 84 7.09 -8.00 4.55
N PRO A 85 8.07 -7.78 3.68
CA PRO A 85 8.35 -6.40 3.28
C PRO A 85 7.22 -5.89 2.38
N ALA A 86 7.30 -4.63 2.01
CA ALA A 86 6.28 -3.98 1.18
C ALA A 86 6.07 -4.71 -0.14
N GLN A 87 4.84 -5.13 -0.40
CA GLN A 87 4.55 -5.80 -1.66
C GLN A 87 3.20 -5.32 -2.15
N GLU A 88 3.03 -5.26 -3.48
CA GLU A 88 1.80 -4.78 -4.08
C GLU A 88 0.54 -5.44 -3.53
N THR A 89 -0.38 -4.62 -3.07
CA THR A 89 -1.62 -5.09 -2.48
C THR A 89 -2.76 -4.13 -2.78
N THR A 90 -3.93 -4.69 -3.04
CA THR A 90 -5.11 -3.88 -3.31
C THR A 90 -5.98 -3.86 -2.07
N LEU A 91 -6.27 -2.66 -1.60
CA LEU A 91 -7.09 -2.46 -0.43
C LEU A 91 -8.44 -1.87 -0.81
N ILE A 92 -9.45 -2.11 0.03
CA ILE A 92 -10.76 -1.56 -0.21
C ILE A 92 -10.97 -0.52 0.89
N CYS A 93 -11.08 0.76 0.51
CA CYS A 93 -11.27 1.81 1.49
C CYS A 93 -12.69 1.80 2.06
N ALA A 94 -12.88 2.47 3.20
CA ALA A 94 -14.20 2.52 3.82
C ALA A 94 -15.23 3.14 2.87
N SER A 95 -14.75 3.98 1.96
CA SER A 95 -15.63 4.65 1.01
C SER A 95 -16.12 3.65 -0.04
N GLY A 96 -15.49 2.48 -0.06
CA GLY A 96 -15.86 1.44 -1.01
C GLY A 96 -14.96 1.45 -2.25
N LYS A 97 -14.05 2.41 -2.34
CA LYS A 97 -13.17 2.46 -3.50
C LYS A 97 -11.88 1.71 -3.26
N ALA A 98 -11.42 0.99 -4.28
CA ALA A 98 -10.19 0.20 -4.20
C ALA A 98 -8.97 1.06 -4.40
N LYS A 99 -7.87 0.67 -3.78
CA LYS A 99 -6.65 1.44 -3.91
C LYS A 99 -5.43 0.54 -3.87
N ASP A 100 -4.61 0.62 -4.89
CA ASP A 100 -3.40 -0.18 -4.97
C ASP A 100 -2.30 0.42 -4.12
N VAL A 101 -1.77 -0.37 -3.20
CA VAL A 101 -0.71 0.12 -2.33
C VAL A 101 0.36 -0.94 -2.19
N GLU A 102 1.44 -0.55 -1.52
CA GLU A 102 2.51 -1.48 -1.27
C GLU A 102 2.47 -1.69 0.24
N LEU A 103 1.89 -2.81 0.64
CA LEU A 103 1.75 -3.13 2.06
C LEU A 103 2.89 -3.97 2.62
N SER A 104 3.34 -3.60 3.82
CA SER A 104 4.38 -4.38 4.47
C SER A 104 3.79 -4.69 5.85
N ILE A 105 4.13 -5.86 6.37
CA ILE A 105 3.64 -6.27 7.68
C ILE A 105 4.82 -6.69 8.53
N SER A 106 4.85 -6.21 9.77
CA SER A 106 5.92 -6.53 10.69
C SER A 106 5.33 -7.18 11.93
N TYR A 107 5.98 -8.24 12.37
CA TYR A 107 5.56 -9.00 13.54
C TYR A 107 6.33 -8.55 14.77
N ILE A 108 5.61 -8.27 15.86
CA ILE A 108 6.22 -7.84 17.12
C ILE A 108 5.88 -8.91 18.15
N PRO A 109 6.88 -9.66 18.63
CA PRO A 109 6.68 -10.72 19.63
C PRO A 109 6.35 -10.16 21.02
N GLY A 110 5.71 -10.99 21.85
CA GLY A 110 5.34 -10.59 23.19
C GLY A 110 4.18 -11.45 23.68
N HIS A 111 3.97 -11.49 25.00
CA HIS A 111 2.86 -12.29 25.55
C HIS A 111 1.57 -11.86 24.84
N GLU A 112 1.57 -10.61 24.38
CA GLU A 112 0.47 -10.05 23.64
C GLU A 112 1.08 -9.52 22.34
N PRO A 113 1.28 -10.42 21.36
CA PRO A 113 1.86 -10.15 20.06
C PRO A 113 1.11 -9.08 19.27
N MSE A 114 1.89 -8.22 18.62
CA MSE A 114 1.32 -7.14 17.84
C MSE A 114 1.80 -7.21 16.41
O MSE A 114 2.82 -7.82 16.12
CB MSE A 114 1.72 -5.79 18.46
CG MSE A 114 1.08 -5.51 19.82
SE MSE A 114 -0.85 -5.34 19.72
CE MSE A 114 -1.02 -3.43 19.83
N PHE A 115 1.06 -6.58 15.50
CA PHE A 115 1.45 -6.55 14.10
C PHE A 115 1.30 -5.11 13.61
N VAL A 116 2.31 -4.62 12.89
CA VAL A 116 2.25 -3.27 12.37
C VAL A 116 2.29 -3.26 10.85
N MSE A 117 1.30 -2.59 10.25
CA MSE A 117 1.22 -2.51 8.80
C MSE A 117 1.56 -1.11 8.28
O MSE A 117 1.12 -0.11 8.83
CB MSE A 117 -0.18 -2.89 8.30
CG MSE A 117 -0.53 -4.38 8.37
SE MSE A 117 -0.83 -5.04 10.19
CE MSE A 117 -1.76 -6.70 9.77
N VAL A 118 2.35 -1.06 7.21
CA VAL A 118 2.70 0.21 6.59
C VAL A 118 2.19 0.11 5.16
N MSE A 119 1.44 1.13 4.76
CA MSE A 119 0.85 1.18 3.44
C MSE A 119 1.38 2.38 2.65
O MSE A 119 1.25 3.53 3.09
CB MSE A 119 -0.67 1.25 3.58
CG MSE A 119 -1.24 0.06 4.34
SE MSE A 119 -2.88 0.48 5.30
CE MSE A 119 -2.08 1.19 6.93
N HIS A 120 2.01 2.09 1.52
CA HIS A 120 2.55 3.14 0.65
C HIS A 120 1.62 3.23 -0.55
N ASP A 121 1.04 4.39 -0.78
CA ASP A 121 0.14 4.57 -1.91
C ASP A 121 0.90 4.99 -3.17
N LEU A 122 0.94 4.09 -4.16
CA LEU A 122 1.65 4.37 -5.41
C LEU A 122 0.98 5.48 -6.22
N MSE B 1 7.59 11.80 26.10
CA MSE B 1 8.65 11.06 25.36
C MSE B 1 10.05 11.61 25.67
O MSE B 1 10.39 12.72 25.26
CB MSE B 1 8.40 11.12 23.85
CG MSE B 1 7.04 10.61 23.41
SE MSE B 1 6.80 10.55 21.48
CE MSE B 1 7.22 8.68 21.19
N GLU B 2 10.85 10.83 26.39
CA GLU B 2 12.21 11.23 26.76
C GLU B 2 13.21 10.11 26.43
N HIS B 3 14.34 10.10 27.15
CA HIS B 3 15.40 9.10 26.95
C HIS B 3 14.93 7.66 27.10
N SER B 4 13.89 7.48 27.90
CA SER B 4 13.33 6.15 28.14
C SER B 4 12.48 5.74 26.93
N SER B 5 11.74 6.70 26.38
CA SER B 5 10.87 6.48 25.23
C SER B 5 11.71 6.18 23.99
N LEU B 6 12.88 6.82 23.95
CA LEU B 6 13.81 6.67 22.86
C LEU B 6 14.17 5.19 22.72
N GLU B 7 14.55 4.57 23.83
CA GLU B 7 14.90 3.16 23.81
C GLU B 7 13.75 2.34 23.29
N THR B 8 12.54 2.67 23.75
CA THR B 8 11.38 1.92 23.32
C THR B 8 11.24 1.99 21.80
N ILE B 9 11.33 3.21 21.26
CA ILE B 9 11.21 3.44 19.83
C ILE B 9 12.34 2.76 19.05
N GLU B 10 13.56 2.90 19.56
CA GLU B 10 14.70 2.30 18.88
C GLU B 10 14.49 0.80 18.77
N LEU B 11 14.03 0.16 19.84
CA LEU B 11 13.79 -1.28 19.79
C LEU B 11 12.68 -1.63 18.81
N PHE B 12 11.61 -0.83 18.85
CA PHE B 12 10.44 -0.98 17.99
C PHE B 12 10.82 -1.00 16.51
N ILE B 13 11.63 -0.02 16.13
CA ILE B 13 12.08 0.10 14.74
C ILE B 13 12.84 -1.14 14.27
N GLN B 14 13.54 -1.78 15.19
CA GLN B 14 14.31 -2.99 14.88
C GLN B 14 13.44 -4.10 14.30
N HIS B 15 12.19 -4.19 14.76
CA HIS B 15 11.28 -5.21 14.25
C HIS B 15 10.64 -4.86 12.91
N LEU B 16 10.59 -3.59 12.55
CA LEU B 16 9.93 -3.19 11.30
C LEU B 16 10.61 -3.58 9.99
N THR B 17 9.83 -4.18 9.09
CA THR B 17 10.37 -4.59 7.80
C THR B 17 10.44 -3.40 6.84
N GLU B 18 10.56 -2.21 7.41
CA GLU B 18 10.66 -0.99 6.62
C GLU B 18 12.02 -0.38 6.89
N ALA B 19 12.65 0.16 5.87
CA ALA B 19 13.94 0.77 6.06
C ALA B 19 13.71 2.13 6.70
N MSE B 20 14.33 2.35 7.85
CA MSE B 20 14.19 3.63 8.50
C MSE B 20 15.32 3.97 9.45
O MSE B 20 16.02 3.09 9.97
CB MSE B 20 12.82 3.77 9.18
CG MSE B 20 12.28 2.58 9.94
SE MSE B 20 10.39 2.88 10.48
CE MSE B 20 10.65 4.25 11.83
N ILE B 21 15.54 5.27 9.62
CA ILE B 21 16.59 5.74 10.49
C ILE B 21 16.04 6.83 11.39
N LEU B 22 16.67 6.97 12.55
CA LEU B 22 16.29 7.98 13.53
C LEU B 22 17.40 9.01 13.49
N VAL B 23 17.05 10.28 13.28
CA VAL B 23 18.06 11.33 13.19
C VAL B 23 17.83 12.49 14.17
N ASN B 24 18.88 13.00 14.79
CA ASN B 24 18.71 14.11 15.72
C ASN B 24 18.64 15.42 14.98
N ALA B 25 18.38 16.49 15.74
CA ALA B 25 18.27 17.83 15.18
C ALA B 25 19.47 18.23 14.34
N ASN B 26 20.67 17.80 14.74
CA ASN B 26 21.89 18.14 14.00
C ASN B 26 22.06 17.32 12.72
N GLY B 27 21.12 16.42 12.46
CA GLY B 27 21.19 15.61 11.25
C GLY B 27 22.01 14.34 11.33
N PHE B 28 22.39 13.94 12.53
CA PHE B 28 23.18 12.72 12.68
C PHE B 28 22.34 11.53 13.09
N ILE B 29 22.62 10.39 12.49
CA ILE B 29 21.87 9.17 12.75
C ILE B 29 22.06 8.67 14.17
N ARG B 30 20.96 8.53 14.89
CA ARG B 30 21.01 8.05 16.27
C ARG B 30 20.67 6.57 16.35
N SER B 31 19.79 6.12 15.47
CA SER B 31 19.36 4.73 15.48
C SER B 31 18.93 4.28 14.08
N CYS B 32 18.95 2.98 13.84
CA CYS B 32 18.55 2.47 12.53
C CYS B 32 18.21 0.99 12.60
N ASN B 33 17.77 0.42 11.48
CA ASN B 33 17.44 -1.00 11.47
C ASN B 33 18.19 -1.74 10.36
N GLN B 34 18.07 -3.06 10.34
CA GLN B 34 18.77 -3.85 9.34
C GLN B 34 18.40 -3.47 7.91
N ARG B 35 17.14 -3.09 7.71
CA ARG B 35 16.68 -2.69 6.39
C ARG B 35 17.41 -1.42 5.92
N SER B 36 17.57 -0.44 6.80
CA SER B 36 18.26 0.78 6.41
C SER B 36 19.74 0.48 6.16
N ALA B 37 20.30 -0.46 6.92
CA ALA B 37 21.70 -0.82 6.73
C ALA B 37 21.88 -1.43 5.33
N GLU B 38 20.95 -2.27 4.92
CA GLU B 38 21.05 -2.86 3.58
C GLU B 38 20.78 -1.81 2.53
N LEU B 39 19.74 -1.00 2.72
CA LEU B 39 19.43 0.03 1.73
C LEU B 39 20.60 1.01 1.56
N LEU B 40 21.10 1.54 2.66
CA LEU B 40 22.21 2.49 2.62
C LEU B 40 23.56 1.79 2.43
N ASP B 41 23.54 0.46 2.32
CA ASP B 41 24.77 -0.30 2.11
C ASP B 41 25.84 0.01 3.16
N CYS B 42 25.47 -0.10 4.42
CA CYS B 42 26.40 0.17 5.51
C CYS B 42 25.88 -0.48 6.78
N PRO B 43 26.76 -1.16 7.53
CA PRO B 43 26.39 -1.84 8.78
C PRO B 43 25.86 -0.86 9.81
N GLN B 44 24.93 -1.32 10.64
CA GLN B 44 24.33 -0.48 11.66
C GLN B 44 25.33 0.20 12.58
N VAL B 45 26.37 -0.52 12.96
CA VAL B 45 27.38 0.04 13.86
C VAL B 45 28.07 1.27 13.28
N SER B 46 28.24 1.27 11.96
CA SER B 46 28.90 2.37 11.24
C SER B 46 27.93 3.40 10.72
N LEU B 47 26.65 3.03 10.71
CA LEU B 47 25.65 3.94 10.20
C LEU B 47 25.31 4.99 11.25
N LYS B 48 25.17 4.54 12.50
CA LYS B 48 24.85 5.47 13.56
C LYS B 48 26.04 6.42 13.74
N GLY B 49 25.75 7.68 13.97
CA GLY B 49 26.80 8.67 14.16
C GLY B 49 27.07 9.42 12.87
N GLN B 50 26.66 8.85 11.75
CA GLN B 50 26.89 9.49 10.46
C GLN B 50 25.89 10.60 10.16
N ASP B 51 26.31 11.60 9.40
CA ASP B 51 25.44 12.69 9.00
C ASP B 51 24.60 12.04 7.89
N TRP B 52 23.27 12.07 8.03
CA TRP B 52 22.42 11.41 7.02
C TRP B 52 22.59 12.08 5.68
N ARG B 53 23.01 13.33 5.71
CA ARG B 53 23.22 14.07 4.46
C ARG B 53 24.27 13.35 3.60
N ASN B 54 25.07 12.47 4.20
CA ASN B 54 26.08 11.75 3.43
C ASN B 54 25.48 10.87 2.34
N PHE B 55 24.23 10.46 2.53
CA PHE B 55 23.60 9.58 1.57
C PHE B 55 22.74 10.31 0.52
N LEU B 56 22.72 11.63 0.57
CA LEU B 56 21.92 12.38 -0.38
C LEU B 56 22.74 12.93 -1.53
N THR B 57 22.06 13.21 -2.64
CA THR B 57 22.73 13.77 -3.81
C THR B 57 23.04 15.22 -3.45
N GLU B 58 23.96 15.86 -4.15
CA GLU B 58 24.32 17.24 -3.83
C GLU B 58 23.12 18.18 -3.84
N HIS B 59 22.21 18.00 -4.79
CA HIS B 59 21.01 18.83 -4.88
C HIS B 59 20.12 18.68 -3.65
N HIS B 60 19.71 17.44 -3.38
CA HIS B 60 18.85 17.17 -2.24
C HIS B 60 19.53 17.53 -0.91
N GLN B 61 20.85 17.60 -0.92
CA GLN B 61 21.58 17.96 0.29
C GLN B 61 21.21 19.36 0.74
N ALA B 62 21.28 20.31 -0.17
CA ALA B 62 20.95 21.69 0.15
C ALA B 62 19.49 21.79 0.57
N ARG B 63 18.68 20.88 0.03
CA ARG B 63 17.26 20.83 0.35
C ARG B 63 17.07 20.65 1.87
N TYR B 64 18.02 20.00 2.53
CA TYR B 64 17.94 19.77 3.96
C TYR B 64 19.06 20.37 4.80
N ASP B 65 19.36 21.63 4.55
CA ASP B 65 20.40 22.36 5.27
C ASP B 65 20.25 22.22 6.77
N ASN B 66 19.05 22.46 7.27
CA ASN B 66 18.76 22.37 8.69
C ASN B 66 17.38 21.77 8.93
N LEU B 67 17.36 20.63 9.60
CA LEU B 67 16.11 19.95 9.88
C LEU B 67 15.12 20.75 10.71
N LEU B 68 15.62 21.68 11.52
CA LEU B 68 14.74 22.49 12.35
C LEU B 68 14.17 23.69 11.61
N SER B 69 14.70 23.97 10.41
CA SER B 69 14.21 25.11 9.64
C SER B 69 14.07 24.78 8.16
N HIS B 70 12.84 24.58 7.70
CA HIS B 70 12.56 24.26 6.31
C HIS B 70 13.11 25.30 5.35
N ASP B 71 13.34 24.83 4.13
CA ASP B 71 13.88 25.67 3.06
C ASP B 71 13.03 26.93 2.87
N GLY B 79 11.83 27.91 8.05
CA GLY B 79 11.59 28.48 9.37
C GLY B 79 10.94 27.47 10.30
N GLN B 80 10.34 26.45 9.71
CA GLN B 80 9.66 25.39 10.45
C GLN B 80 10.40 24.07 10.27
N PRO B 81 10.33 23.18 11.28
CA PRO B 81 11.02 21.89 11.18
C PRO B 81 10.48 21.06 10.01
N VAL B 82 11.38 20.46 9.24
CA VAL B 82 11.01 19.65 8.07
C VAL B 82 10.21 18.40 8.37
N GLN B 83 9.31 18.05 7.46
CA GLN B 83 8.49 16.85 7.57
C GLN B 83 7.65 16.80 6.30
N HIS B 84 7.57 15.63 5.69
CA HIS B 84 6.78 15.50 4.47
C HIS B 84 6.55 14.05 4.16
N PRO B 85 5.42 13.76 3.51
CA PRO B 85 5.08 12.39 3.13
C PRO B 85 6.06 11.95 2.05
N ALA B 86 6.07 10.65 1.76
CA ALA B 86 6.97 10.10 0.77
C ALA B 86 7.10 10.97 -0.47
N GLN B 87 8.31 11.05 -1.00
CA GLN B 87 8.54 11.81 -2.23
C GLN B 87 9.83 11.30 -2.85
N GLU B 88 9.84 11.21 -4.18
CA GLU B 88 10.97 10.71 -4.94
C GLU B 88 12.28 11.36 -4.56
N THR B 89 13.23 10.53 -4.16
CA THR B 89 14.56 10.99 -3.75
C THR B 89 15.61 9.97 -4.18
N THR B 90 16.78 10.45 -4.55
CA THR B 90 17.86 9.56 -4.94
C THR B 90 18.91 9.51 -3.84
N LEU B 91 19.28 8.30 -3.44
CA LEU B 91 20.27 8.08 -2.39
C LEU B 91 21.61 7.67 -3.00
N ILE B 92 22.70 8.03 -2.31
CA ILE B 92 24.05 7.68 -2.77
C ILE B 92 24.82 6.94 -1.69
N CYS B 93 25.28 5.73 -2.01
CA CYS B 93 26.04 4.91 -1.07
C CYS B 93 27.52 5.25 -1.12
N ALA B 94 28.25 4.92 -0.06
CA ALA B 94 29.69 5.20 0.00
C ALA B 94 30.41 4.59 -1.19
N SER B 95 29.86 3.51 -1.75
CA SER B 95 30.44 2.84 -2.89
C SER B 95 30.12 3.60 -4.18
N GLY B 96 29.28 4.62 -4.07
CA GLY B 96 28.89 5.41 -5.22
C GLY B 96 27.63 4.91 -5.90
N LYS B 97 27.12 3.78 -5.42
CA LYS B 97 25.90 3.18 -5.96
C LYS B 97 24.71 4.09 -5.64
N ALA B 98 23.95 4.47 -6.66
CA ALA B 98 22.81 5.35 -6.44
C ALA B 98 21.50 4.59 -6.52
N LYS B 99 20.66 4.72 -5.49
CA LYS B 99 19.39 4.03 -5.50
C LYS B 99 18.26 5.04 -5.45
N ASP B 100 17.29 4.87 -6.33
CA ASP B 100 16.14 5.76 -6.33
C ASP B 100 15.17 5.21 -5.30
N VAL B 101 14.69 6.06 -4.41
CA VAL B 101 13.76 5.60 -3.39
C VAL B 101 12.64 6.59 -3.17
N GLU B 102 11.76 6.28 -2.24
CA GLU B 102 10.68 7.21 -1.91
C GLU B 102 10.98 7.54 -0.45
N LEU B 103 11.29 8.80 -0.18
CA LEU B 103 11.63 9.23 1.18
C LEU B 103 10.54 10.06 1.84
N SER B 104 10.25 9.76 3.11
CA SER B 104 9.28 10.56 3.87
C SER B 104 10.05 10.96 5.13
N ILE B 105 9.72 12.09 5.71
CA ILE B 105 10.41 12.55 6.91
C ILE B 105 9.34 12.90 7.93
N SER B 106 9.52 12.43 9.16
CA SER B 106 8.56 12.74 10.20
C SER B 106 9.28 13.50 11.30
N TYR B 107 8.58 14.45 11.90
CA TYR B 107 9.11 15.28 12.97
C TYR B 107 8.48 14.95 14.30
N ILE B 108 9.32 14.68 15.30
CA ILE B 108 8.84 14.38 16.63
C ILE B 108 9.44 15.44 17.55
N PRO B 109 8.62 16.44 17.93
CA PRO B 109 9.06 17.53 18.81
C PRO B 109 9.41 17.04 20.21
N GLY B 110 10.20 17.84 20.93
CA GLY B 110 10.62 17.50 22.27
C GLY B 110 11.91 18.25 22.56
N HIS B 111 12.44 18.14 23.78
CA HIS B 111 13.67 18.83 24.12
C HIS B 111 14.81 18.35 23.23
N GLU B 112 14.73 17.10 22.79
CA GLU B 112 15.71 16.52 21.87
C GLU B 112 14.90 16.08 20.65
N PRO B 113 14.54 17.03 19.79
CA PRO B 113 13.75 16.73 18.59
C PRO B 113 14.37 15.67 17.70
N MSE B 114 13.57 14.68 17.30
CA MSE B 114 14.03 13.59 16.44
C MSE B 114 13.33 13.62 15.08
O MSE B 114 12.22 14.11 14.97
CB MSE B 114 13.75 12.23 17.09
CG MSE B 114 14.61 11.94 18.31
SE MSE B 114 16.48 11.71 17.86
CE MSE B 114 16.48 9.78 17.66
N PHE B 115 13.99 13.10 14.06
CA PHE B 115 13.40 13.04 12.74
C PHE B 115 13.43 11.58 12.32
N VAL B 116 12.32 11.09 11.76
CA VAL B 116 12.22 9.70 11.36
C VAL B 116 12.17 9.59 9.84
N MSE B 117 13.14 8.91 9.23
CA MSE B 117 13.14 8.76 7.77
C MSE B 117 12.77 7.34 7.36
O MSE B 117 13.42 6.37 7.77
CB MSE B 117 14.50 9.11 7.16
CG MSE B 117 14.79 10.59 7.03
SE MSE B 117 15.05 11.45 8.75
CE MSE B 117 16.08 12.99 8.19
N VAL B 118 11.73 7.21 6.56
CA VAL B 118 11.31 5.90 6.06
C VAL B 118 11.63 5.95 4.56
N MSE B 119 12.48 5.06 4.10
CA MSE B 119 12.85 5.04 2.68
C MSE B 119 12.33 3.78 2.00
O MSE B 119 12.68 2.68 2.39
CB MSE B 119 14.36 5.13 2.54
CG MSE B 119 14.95 6.35 3.23
SE MSE B 119 16.71 6.06 3.95
CE MSE B 119 16.23 4.89 5.43
N HIS B 120 11.50 3.97 0.98
CA HIS B 120 10.93 2.85 0.24
C HIS B 120 11.71 2.70 -1.06
N ASP B 121 12.40 1.58 -1.21
CA ASP B 121 13.20 1.32 -2.40
C ASP B 121 12.38 1.10 -3.67
N LEU B 122 12.75 1.82 -4.73
CA LEU B 122 12.08 1.72 -6.02
C LEU B 122 12.81 0.82 -7.01
N SER C 4 -34.25 -11.14 -8.61
CA SER C 4 -33.42 -9.89 -8.60
C SER C 4 -32.92 -9.49 -9.98
N SER C 5 -32.76 -8.19 -10.17
CA SER C 5 -32.28 -7.64 -11.42
C SER C 5 -30.90 -8.21 -11.74
N LEU C 6 -29.98 -8.04 -10.81
CA LEU C 6 -28.61 -8.51 -10.95
C LEU C 6 -28.60 -9.99 -11.34
N GLU C 7 -29.43 -10.78 -10.66
CA GLU C 7 -29.51 -12.20 -10.95
C GLU C 7 -29.90 -12.46 -12.40
N THR C 8 -30.96 -11.79 -12.86
CA THR C 8 -31.44 -11.96 -14.23
C THR C 8 -30.35 -11.62 -15.23
N ILE C 9 -29.62 -10.55 -14.95
CA ILE C 9 -28.54 -10.12 -15.81
C ILE C 9 -27.45 -11.18 -15.90
N GLU C 10 -27.06 -11.76 -14.77
CA GLU C 10 -26.00 -12.78 -14.79
C GLU C 10 -26.43 -13.99 -15.59
N LEU C 11 -27.70 -14.35 -15.46
CA LEU C 11 -28.24 -15.50 -16.18
C LEU C 11 -28.24 -15.17 -17.66
N PHE C 12 -28.73 -13.98 -17.99
CA PHE C 12 -28.80 -13.53 -19.37
C PHE C 12 -27.42 -13.62 -20.03
N ILE C 13 -26.43 -12.97 -19.42
CA ILE C 13 -25.07 -12.96 -19.95
C ILE C 13 -24.60 -14.38 -20.23
N GLN C 14 -24.92 -15.29 -19.33
CA GLN C 14 -24.51 -16.67 -19.48
C GLN C 14 -25.03 -17.32 -20.77
N HIS C 15 -26.12 -16.80 -21.31
CA HIS C 15 -26.72 -17.32 -22.54
C HIS C 15 -26.25 -16.65 -23.83
N LEU C 16 -25.43 -15.62 -23.74
CA LEU C 16 -24.97 -14.92 -24.95
C LEU C 16 -23.71 -15.54 -25.54
N THR C 17 -23.67 -15.64 -26.87
CA THR C 17 -22.52 -16.23 -27.57
C THR C 17 -21.42 -15.20 -27.80
N GLU C 18 -21.48 -14.11 -27.05
CA GLU C 18 -20.49 -13.05 -27.11
C GLU C 18 -19.69 -13.12 -25.83
N ALA C 19 -18.39 -12.94 -25.93
CA ALA C 19 -17.54 -12.98 -24.75
C ALA C 19 -17.76 -11.72 -23.93
N MSE C 20 -18.18 -11.90 -22.69
CA MSE C 20 -18.35 -10.75 -21.84
C MSE C 20 -18.26 -11.10 -20.37
O MSE C 20 -18.33 -12.26 -19.98
CB MSE C 20 -19.64 -9.97 -22.19
CG MSE C 20 -20.96 -10.72 -22.20
SE MSE C 20 -22.51 -9.60 -22.82
CE MSE C 20 -23.08 -8.85 -21.13
N ILE C 21 -18.01 -10.07 -19.57
CA ILE C 21 -17.91 -10.22 -18.12
C ILE C 21 -18.57 -9.02 -17.46
N LEU C 22 -19.14 -9.29 -16.29
CA LEU C 22 -19.80 -8.27 -15.48
C LEU C 22 -18.84 -8.01 -14.32
N VAL C 23 -18.47 -6.75 -14.16
CA VAL C 23 -17.53 -6.33 -13.14
C VAL C 23 -18.16 -5.38 -12.14
N ASN C 24 -17.79 -5.49 -10.88
CA ASN C 24 -18.36 -4.59 -9.88
C ASN C 24 -17.64 -3.24 -9.90
N ALA C 25 -18.00 -2.37 -8.96
CA ALA C 25 -17.42 -1.04 -8.90
C ALA C 25 -15.91 -1.02 -8.82
N ASN C 26 -15.32 -2.03 -8.19
CA ASN C 26 -13.86 -2.06 -8.06
C ASN C 26 -13.10 -2.83 -9.13
N GLY C 27 -13.81 -3.32 -10.14
CA GLY C 27 -13.13 -4.03 -11.20
C GLY C 27 -12.98 -5.52 -11.03
N PHE C 28 -13.64 -6.09 -10.02
CA PHE C 28 -13.57 -7.53 -9.80
C PHE C 28 -14.75 -8.18 -10.50
N ILE C 29 -14.47 -9.21 -11.29
CA ILE C 29 -15.55 -9.85 -12.03
C ILE C 29 -16.49 -10.63 -11.12
N ARG C 30 -17.78 -10.33 -11.26
CA ARG C 30 -18.80 -10.98 -10.47
C ARG C 30 -19.41 -12.15 -11.23
N SER C 31 -19.39 -12.03 -12.55
CA SER C 31 -19.96 -13.04 -13.43
C SER C 31 -19.27 -13.00 -14.79
N CYS C 32 -19.05 -14.16 -15.40
CA CYS C 32 -18.44 -14.22 -16.73
C CYS C 32 -19.18 -15.15 -17.69
N ASN C 33 -18.58 -15.40 -18.84
CA ASN C 33 -19.17 -16.22 -19.90
C ASN C 33 -18.30 -17.39 -20.28
N GLN C 34 -18.91 -18.38 -20.90
CA GLN C 34 -18.12 -19.50 -21.37
C GLN C 34 -17.20 -18.93 -22.44
N ARG C 35 -17.73 -18.02 -23.26
CA ARG C 35 -16.94 -17.39 -24.32
C ARG C 35 -15.82 -16.53 -23.75
N SER C 36 -16.08 -15.84 -22.63
CA SER C 36 -15.04 -15.01 -22.03
C SER C 36 -13.99 -15.92 -21.41
N ALA C 37 -14.44 -17.05 -20.86
CA ALA C 37 -13.52 -18.00 -20.26
C ALA C 37 -12.65 -18.58 -21.36
N GLU C 38 -13.25 -18.75 -22.53
CA GLU C 38 -12.56 -19.31 -23.66
C GLU C 38 -11.57 -18.29 -24.25
N LEU C 39 -11.97 -17.04 -24.33
CA LEU C 39 -11.10 -15.99 -24.88
C LEU C 39 -9.92 -15.71 -23.97
N LEU C 40 -10.16 -15.71 -22.66
CA LEU C 40 -9.11 -15.43 -21.70
C LEU C 40 -8.34 -16.69 -21.29
N ASP C 41 -8.72 -17.83 -21.85
CA ASP C 41 -8.06 -19.09 -21.53
C ASP C 41 -8.06 -19.38 -20.03
N CYS C 42 -9.19 -19.08 -19.38
CA CYS C 42 -9.32 -19.31 -17.95
C CYS C 42 -10.73 -19.81 -17.66
N PRO C 43 -10.86 -20.95 -16.98
CA PRO C 43 -12.18 -21.50 -16.64
C PRO C 43 -13.02 -20.56 -15.78
N GLN C 44 -14.32 -20.50 -16.08
CA GLN C 44 -15.26 -19.65 -15.36
C GLN C 44 -15.11 -19.66 -13.87
N VAL C 45 -15.05 -20.86 -13.29
CA VAL C 45 -14.94 -20.99 -11.85
C VAL C 45 -13.68 -20.28 -11.32
N SER C 46 -12.71 -20.05 -12.22
CA SER C 46 -11.45 -19.40 -11.84
C SER C 46 -11.39 -17.93 -12.24
N LEU C 47 -12.26 -17.54 -13.15
CA LEU C 47 -12.32 -16.17 -13.65
C LEU C 47 -13.06 -15.29 -12.64
N LYS C 48 -14.13 -15.85 -12.07
CA LYS C 48 -14.94 -15.13 -11.10
C LYS C 48 -14.11 -14.70 -9.91
N GLY C 49 -14.29 -13.46 -9.49
CA GLY C 49 -13.56 -12.94 -8.34
C GLY C 49 -12.26 -12.26 -8.68
N GLN C 50 -11.72 -12.53 -9.87
CA GLN C 50 -10.47 -11.93 -10.25
C GLN C 50 -10.62 -10.45 -10.58
N ASP C 51 -9.47 -9.77 -10.55
CA ASP C 51 -9.42 -8.37 -10.89
C ASP C 51 -9.26 -8.43 -12.41
N TRP C 52 -10.23 -7.87 -13.13
CA TRP C 52 -10.22 -7.92 -14.60
C TRP C 52 -8.93 -7.35 -15.17
N ARG C 53 -8.31 -6.44 -14.42
CA ARG C 53 -7.06 -5.85 -14.87
C ARG C 53 -5.98 -6.93 -14.98
N ASN C 54 -6.24 -8.12 -14.45
CA ASN C 54 -5.25 -9.21 -14.55
C ASN C 54 -5.10 -9.65 -15.99
N PHE C 55 -6.04 -9.26 -16.86
CA PHE C 55 -5.96 -9.66 -18.26
C PHE C 55 -5.62 -8.49 -19.17
N LEU C 56 -5.03 -7.45 -18.58
CA LEU C 56 -4.62 -6.29 -19.35
C LEU C 56 -3.10 -6.26 -19.40
N THR C 57 -2.55 -5.70 -20.47
CA THR C 57 -1.11 -5.61 -20.60
C THR C 57 -0.64 -4.65 -19.53
N GLU C 58 0.57 -4.85 -19.02
CA GLU C 58 1.14 -3.99 -18.01
C GLU C 58 1.29 -2.61 -18.66
N HIS C 59 1.19 -1.55 -17.85
CA HIS C 59 1.31 -0.20 -18.39
C HIS C 59 0.15 0.06 -19.36
N HIS C 60 -1.06 -0.21 -18.91
CA HIS C 60 -2.26 -0.03 -19.72
C HIS C 60 -2.87 1.36 -19.51
N GLN C 61 -4.09 1.55 -19.98
CA GLN C 61 -4.73 2.85 -19.84
C GLN C 61 -5.04 3.15 -18.37
N ALA C 62 -4.79 4.39 -18.00
CA ALA C 62 -5.00 4.85 -16.63
C ALA C 62 -6.45 4.75 -16.19
N ARG C 63 -7.38 5.19 -17.05
CA ARG C 63 -8.80 5.17 -16.71
C ARG C 63 -9.26 3.79 -16.27
N TYR C 64 -8.55 2.75 -16.70
CA TYR C 64 -8.92 1.40 -16.31
C TYR C 64 -8.50 1.12 -14.86
N ASP C 65 -7.84 2.10 -14.23
CA ASP C 65 -7.41 1.96 -12.85
C ASP C 65 -8.52 2.45 -11.90
N ASN C 66 -9.52 3.14 -12.46
CA ASN C 66 -10.67 3.56 -11.68
C ASN C 66 -11.80 3.87 -12.64
N LEU C 67 -12.59 2.83 -12.86
CA LEU C 67 -13.73 2.84 -13.75
C LEU C 67 -14.78 3.84 -13.28
N LEU C 68 -14.83 4.10 -11.98
CA LEU C 68 -15.81 5.05 -11.47
C LEU C 68 -15.32 6.47 -11.46
N SER C 69 -14.09 6.67 -11.91
CA SER C 69 -13.47 7.99 -11.94
C SER C 69 -13.56 8.70 -10.59
N HIS C 70 -13.04 8.06 -9.54
CA HIS C 70 -13.06 8.65 -8.20
C HIS C 70 -12.07 9.81 -8.10
N ASP C 71 -12.51 10.89 -7.46
CA ASP C 71 -11.66 12.07 -7.25
C ASP C 71 -10.98 12.55 -8.52
N GLY C 79 -16.10 13.35 -13.06
CA GLY C 79 -16.33 12.13 -12.32
C GLY C 79 -17.27 11.15 -13.01
N GLN C 80 -17.30 11.16 -14.33
CA GLN C 80 -18.19 10.27 -15.08
C GLN C 80 -17.64 8.85 -15.17
N PRO C 81 -18.47 7.85 -14.86
CA PRO C 81 -17.99 6.46 -14.94
C PRO C 81 -17.50 6.17 -16.35
N VAL C 82 -16.50 5.31 -16.44
CA VAL C 82 -15.93 4.95 -17.73
C VAL C 82 -16.85 4.05 -18.55
N GLN C 83 -16.92 4.32 -19.85
CA GLN C 83 -17.71 3.52 -20.78
C GLN C 83 -17.40 4.01 -22.19
N HIS C 84 -17.17 3.07 -23.10
CA HIS C 84 -16.86 3.44 -24.47
C HIS C 84 -17.20 2.29 -25.40
N PRO C 85 -17.53 2.63 -26.66
CA PRO C 85 -17.87 1.58 -27.64
C PRO C 85 -16.64 0.73 -27.88
N ALA C 86 -16.78 -0.31 -28.69
CA ALA C 86 -15.67 -1.20 -28.95
C ALA C 86 -14.48 -0.48 -29.54
N GLN C 87 -13.29 -0.83 -29.06
CA GLN C 87 -12.07 -0.23 -29.59
C GLN C 87 -10.87 -1.11 -29.26
N GLU C 88 -9.97 -1.23 -30.25
CA GLU C 88 -8.78 -2.07 -30.13
C GLU C 88 -8.10 -2.00 -28.76
N THR C 89 -7.91 -3.17 -28.17
CA THR C 89 -7.28 -3.29 -26.87
C THR C 89 -6.57 -4.63 -26.79
N THR C 90 -5.33 -4.63 -26.34
CA THR C 90 -4.58 -5.86 -26.24
C THR C 90 -4.70 -6.46 -24.85
N LEU C 91 -5.11 -7.72 -24.80
CA LEU C 91 -5.29 -8.42 -23.54
C LEU C 91 -4.21 -9.47 -23.32
N ILE C 92 -4.10 -9.91 -22.07
CA ILE C 92 -3.14 -10.92 -21.68
C ILE C 92 -3.84 -12.13 -21.06
N CYS C 93 -3.96 -13.21 -21.82
CA CYS C 93 -4.63 -14.41 -21.33
C CYS C 93 -3.89 -15.03 -20.16
N ALA C 94 -4.61 -15.86 -19.41
CA ALA C 94 -4.05 -16.54 -18.25
C ALA C 94 -2.83 -17.34 -18.67
N SER C 95 -2.85 -17.78 -19.92
CA SER C 95 -1.76 -18.57 -20.49
C SER C 95 -0.60 -17.68 -20.91
N GLY C 96 -0.62 -16.42 -20.49
CA GLY C 96 0.44 -15.50 -20.86
C GLY C 96 0.34 -15.02 -22.29
N LYS C 97 -0.47 -15.69 -23.10
CA LYS C 97 -0.64 -15.31 -24.50
C LYS C 97 -1.33 -13.94 -24.67
N ALA C 98 -0.74 -13.10 -25.49
CA ALA C 98 -1.28 -11.77 -25.77
C ALA C 98 -2.34 -11.91 -26.86
N LYS C 99 -3.49 -11.29 -26.64
CA LYS C 99 -4.60 -11.38 -27.58
C LYS C 99 -5.08 -9.98 -27.96
N ASP C 100 -5.15 -9.70 -29.26
CA ASP C 100 -5.64 -8.40 -29.71
C ASP C 100 -7.14 -8.51 -29.95
N VAL C 101 -7.91 -7.77 -29.17
CA VAL C 101 -9.36 -7.81 -29.30
C VAL C 101 -9.99 -6.42 -29.32
N GLU C 102 -11.27 -6.39 -29.63
CA GLU C 102 -12.02 -5.15 -29.67
C GLU C 102 -12.80 -5.16 -28.35
N LEU C 103 -12.50 -4.19 -27.50
CA LEU C 103 -13.14 -4.11 -26.19
C LEU C 103 -14.11 -2.95 -26.06
N SER C 104 -15.28 -3.20 -25.49
CA SER C 104 -16.25 -2.13 -25.28
C SER C 104 -16.59 -2.20 -23.80
N ILE C 105 -16.83 -1.04 -23.19
CA ILE C 105 -17.19 -1.03 -21.80
C ILE C 105 -18.48 -0.28 -21.59
N SER C 106 -19.39 -0.91 -20.86
CA SER C 106 -20.70 -0.32 -20.58
C SER C 106 -20.93 -0.18 -19.07
N TYR C 107 -21.41 0.99 -18.67
CA TYR C 107 -21.70 1.26 -17.27
C TYR C 107 -23.17 0.92 -17.01
N ILE C 108 -23.44 0.19 -15.93
CA ILE C 108 -24.80 -0.19 -15.59
C ILE C 108 -25.19 0.43 -14.25
N PRO C 109 -26.00 1.50 -14.27
CA PRO C 109 -26.42 2.14 -13.02
C PRO C 109 -27.46 1.30 -12.30
N GLY C 110 -27.40 1.28 -10.98
CA GLY C 110 -28.35 0.50 -10.21
C GLY C 110 -28.23 0.83 -8.73
N HIS C 111 -28.47 -0.16 -7.87
CA HIS C 111 -28.37 0.03 -6.42
C HIS C 111 -26.89 0.04 -6.09
N GLU C 112 -26.09 -0.44 -7.04
CA GLU C 112 -24.65 -0.45 -6.89
C GLU C 112 -24.11 -0.40 -8.32
N PRO C 113 -23.06 0.39 -8.54
CA PRO C 113 -22.49 0.52 -9.87
C PRO C 113 -21.86 -0.78 -10.39
N MSE C 114 -22.07 -1.06 -11.68
CA MSE C 114 -21.53 -2.25 -12.33
C MSE C 114 -21.01 -1.88 -13.72
O MSE C 114 -21.37 -0.84 -14.26
CB MSE C 114 -22.62 -3.32 -12.48
CG MSE C 114 -23.25 -3.73 -11.17
SE MSE C 114 -22.06 -4.78 -10.08
CE MSE C 114 -22.69 -6.50 -10.65
N PHE C 115 -20.16 -2.74 -14.28
CA PHE C 115 -19.63 -2.49 -15.62
C PHE C 115 -19.68 -3.80 -16.39
N VAL C 116 -19.78 -3.70 -17.71
CA VAL C 116 -19.84 -4.89 -18.55
C VAL C 116 -18.80 -4.79 -19.65
N MSE C 117 -17.91 -5.76 -19.72
CA MSE C 117 -16.90 -5.75 -20.76
C MSE C 117 -17.24 -6.77 -21.84
O MSE C 117 -17.50 -7.94 -21.54
CB MSE C 117 -15.51 -6.04 -20.21
CG MSE C 117 -14.86 -4.84 -19.51
SE MSE C 117 -15.85 -4.25 -17.91
CE MSE C 117 -14.39 -3.41 -16.93
N VAL C 118 -17.24 -6.31 -23.07
CA VAL C 118 -17.50 -7.17 -24.21
C VAL C 118 -16.22 -7.17 -25.01
N MSE C 119 -15.76 -8.37 -25.37
CA MSE C 119 -14.53 -8.51 -26.11
C MSE C 119 -14.70 -9.26 -27.41
O MSE C 119 -15.19 -10.39 -27.43
CB MSE C 119 -13.52 -9.23 -25.23
CG MSE C 119 -13.23 -8.46 -23.94
SE MSE C 119 -12.79 -9.58 -22.44
CE MSE C 119 -14.60 -9.90 -21.80
N HIS C 120 -14.32 -8.63 -28.51
CA HIS C 120 -14.41 -9.27 -29.81
C HIS C 120 -13.00 -9.61 -30.29
N ASP C 121 -12.69 -10.89 -30.35
CA ASP C 121 -11.36 -11.33 -30.77
C ASP C 121 -11.14 -10.99 -32.25
N LEU C 122 -10.01 -10.34 -32.53
CA LEU C 122 -9.65 -9.94 -33.88
C LEU C 122 -8.72 -10.99 -34.52
#